data_3K3G
#
_entry.id   3K3G
#
_cell.length_a   110.106
_cell.length_b   110.106
_cell.length_c   84.872
_cell.angle_alpha   90.000
_cell.angle_beta   90.000
_cell.angle_gamma   120.000
#
_symmetry.space_group_name_H-M   'P 63'
#
loop_
_entity.id
_entity.type
_entity.pdbx_description
1 polymer 'Urea transporter'
2 non-polymer 'GOLD ION'
3 non-polymer 1,3-dimethylurea
4 water water
#
_entity_poly.entity_id   1
_entity_poly.type   'polypeptide(L)'
_entity_poly.pdbx_seq_one_letter_code
;SGRAFGEQLLKNPLIEFCDSVCRGCGQVMFQNNTVTGLLFFAGIFYNSTTLGVCAVLGTAASTLTAQLLGVDKPLVRAGL
FGFNGTLAGIALPFFFNYEPAMLGYVALNGAFTTIIMASLLNFLGKWGVPALTAPFVLATWLLMFGVYKLSLFHPGALIA
PALPSVAGLADMGTVTGRTFMEGLFKGVGEVMFQDNIVTGVIFVVAILVNSRISALFAVIGSLVGLCTALIMHSPETPVR
LGLYGFNSVLCGIAMGGIFFYLNIRTFLYALGCMVLGAIATGAFSVLLSPIGMPALTWPFIVVTWLFLFAGSMFRNIAQV
PTEKAGTPEDNLRSLAIGSR
;
_entity_poly.pdbx_strand_id   A
#
# COMPACT_ATOMS: atom_id res chain seq x y z
N ARG A 3 -11.27 23.97 -10.64
CA ARG A 3 -11.37 23.40 -12.02
C ARG A 3 -12.71 23.65 -12.75
N ALA A 4 -12.63 24.42 -13.84
CA ALA A 4 -13.79 24.81 -14.69
C ALA A 4 -14.84 23.70 -14.86
N PHE A 5 -16.06 23.98 -14.40
CA PHE A 5 -17.16 23.02 -14.42
C PHE A 5 -17.58 22.60 -15.83
N GLY A 6 -17.24 23.43 -16.82
CA GLY A 6 -17.53 23.14 -18.23
C GLY A 6 -16.71 22.01 -18.84
N GLU A 7 -15.58 21.69 -18.23
CA GLU A 7 -14.73 20.59 -18.69
C GLU A 7 -15.49 19.25 -18.64
N GLN A 8 -16.53 19.22 -17.83
CA GLN A 8 -17.47 18.11 -17.79
C GLN A 8 -18.18 17.80 -19.14
N LEU A 9 -18.27 18.79 -20.03
CA LEU A 9 -18.84 18.55 -21.36
C LEU A 9 -17.91 17.68 -22.22
N LEU A 10 -16.64 17.65 -21.83
CA LEU A 10 -15.60 16.98 -22.59
C LEU A 10 -15.38 15.53 -22.17
N LYS A 11 -15.97 15.16 -21.03
CA LYS A 11 -15.78 13.84 -20.47
C LYS A 11 -16.42 12.73 -21.29
N ASN A 12 -15.77 11.56 -21.28
CA ASN A 12 -16.30 10.37 -21.94
C ASN A 12 -15.92 9.15 -21.09
N PRO A 13 -16.81 8.12 -21.06
CA PRO A 13 -16.64 7.03 -20.10
C PRO A 13 -15.22 6.45 -20.08
N LEU A 14 -14.55 6.49 -21.23
CA LEU A 14 -13.22 5.91 -21.37
C LEU A 14 -12.14 6.76 -20.70
N ILE A 15 -12.20 8.09 -20.88
CA ILE A 15 -11.27 9.00 -20.19
C ILE A 15 -11.55 9.11 -18.68
N GLU A 16 -12.81 9.01 -18.31
CA GLU A 16 -13.22 8.99 -16.91
C GLU A 16 -12.75 7.71 -16.22
N PHE A 17 -12.88 6.57 -16.90
CA PHE A 17 -12.36 5.28 -16.41
C PHE A 17 -10.85 5.33 -16.22
N CYS A 18 -10.20 5.98 -17.18
CA CYS A 18 -8.74 6.13 -17.19
C CYS A 18 -8.20 6.95 -16.03
N ASP A 19 -9.01 7.93 -15.61
CA ASP A 19 -8.75 8.84 -14.53
C ASP A 19 -9.03 8.15 -13.18
N SER A 20 -10.12 7.38 -13.13
CA SER A 20 -10.41 6.53 -11.99
C SER A 20 -9.23 5.58 -11.73
N VAL A 21 -8.70 4.96 -12.81
CA VAL A 21 -7.56 4.03 -12.74
C VAL A 21 -6.28 4.69 -12.20
N CYS A 22 -5.91 5.86 -12.71
CA CYS A 22 -4.72 6.53 -12.20
C CYS A 22 -4.80 7.08 -10.76
N ARG A 23 -5.96 7.56 -10.36
CA ARG A 23 -6.22 7.88 -8.95
C ARG A 23 -6.20 6.60 -8.10
N GLY A 24 -6.79 5.53 -8.63
CA GLY A 24 -6.70 4.20 -8.03
C GLY A 24 -5.26 3.90 -7.65
N CYS A 25 -4.33 4.00 -8.61
CA CYS A 25 -2.92 3.75 -8.35
C CYS A 25 -2.33 4.74 -7.34
N GLY A 26 -2.67 6.02 -7.46
CA GLY A 26 -2.25 7.02 -6.47
C GLY A 26 -2.64 6.61 -5.05
N GLN A 27 -3.85 6.09 -4.91
CA GLN A 27 -4.41 5.74 -3.61
C GLN A 27 -3.69 4.58 -2.92
N VAL A 28 -2.83 3.86 -3.65
CA VAL A 28 -1.97 2.85 -3.05
C VAL A 28 -1.20 3.48 -1.87
N MET A 29 -0.88 4.76 -1.99
CA MET A 29 -0.20 5.48 -0.92
C MET A 29 -1.00 6.69 -0.45
N PHE A 30 -2.33 6.56 -0.55
CA PHE A 30 -3.33 7.53 -0.07
C PHE A 30 -3.37 8.82 -0.88
N GLN A 31 -2.82 8.80 -2.10
CA GLN A 31 -2.72 10.03 -2.88
C GLN A 31 -3.79 10.07 -3.96
N ASN A 32 -4.86 10.82 -3.68
CA ASN A 32 -5.94 10.95 -4.63
C ASN A 32 -5.56 11.97 -5.71
N ASN A 33 -4.73 11.53 -6.64
CA ASN A 33 -4.12 12.41 -7.64
C ASN A 33 -3.76 11.57 -8.87
N THR A 34 -4.19 12.04 -10.03
CA THR A 34 -4.03 11.34 -11.31
C THR A 34 -2.56 11.32 -11.73
N VAL A 35 -1.88 12.44 -11.50
CA VAL A 35 -0.46 12.58 -11.85
C VAL A 35 0.40 11.71 -10.93
N THR A 36 0.07 11.70 -9.64
CA THR A 36 0.72 10.81 -8.69
C THR A 36 0.63 9.34 -9.14
N GLY A 37 -0.58 8.90 -9.49
CA GLY A 37 -0.81 7.55 -9.98
C GLY A 37 -0.10 7.31 -11.30
N LEU A 38 -0.20 8.28 -12.20
CA LEU A 38 0.51 8.22 -13.47
C LEU A 38 2.01 8.03 -13.26
N LEU A 39 2.57 8.76 -12.30
CA LEU A 39 3.99 8.64 -11.96
C LEU A 39 4.35 7.35 -11.19
N PHE A 40 3.41 6.81 -10.43
CA PHE A 40 3.59 5.48 -9.81
C PHE A 40 3.74 4.41 -10.90
N PHE A 41 2.84 4.48 -11.89
CA PHE A 41 2.91 3.59 -13.06
C PHE A 41 4.27 3.72 -13.75
N ALA A 42 4.72 4.97 -13.92
CA ALA A 42 6.02 5.26 -14.55
C ALA A 42 7.17 4.62 -13.79
N GLY A 43 7.16 4.72 -12.46
CA GLY A 43 8.16 4.06 -11.62
C GLY A 43 8.17 2.54 -11.76
N ILE A 44 6.99 1.94 -11.81
CA ILE A 44 6.87 0.49 -11.99
C ILE A 44 7.38 0.06 -13.37
N PHE A 45 6.88 0.71 -14.42
CA PHE A 45 7.30 0.44 -15.80
C PHE A 45 8.79 0.65 -15.98
N TYR A 46 9.35 1.57 -15.20
CA TYR A 46 10.80 1.79 -15.18
C TYR A 46 11.55 0.54 -14.69
N ASN A 47 10.99 -0.11 -13.67
CA ASN A 47 11.58 -1.32 -13.10
C ASN A 47 11.27 -2.58 -13.94
N SER A 48 10.01 -2.73 -14.35
CA SER A 48 9.58 -3.88 -15.12
C SER A 48 8.32 -3.57 -15.91
N THR A 49 8.39 -3.80 -17.21
CA THR A 49 7.26 -3.68 -18.10
C THR A 49 6.15 -4.70 -17.74
N THR A 50 6.55 -5.91 -17.36
CA THR A 50 5.60 -6.98 -17.08
C THR A 50 4.79 -6.67 -15.82
N LEU A 51 5.47 -6.20 -14.79
CA LEU A 51 4.81 -5.75 -13.56
C LEU A 51 3.94 -4.50 -13.78
N GLY A 52 4.37 -3.63 -14.70
CA GLY A 52 3.62 -2.44 -15.04
C GLY A 52 2.29 -2.73 -15.71
N VAL A 53 2.32 -3.60 -16.72
CA VAL A 53 1.11 -4.03 -17.41
C VAL A 53 0.17 -4.71 -16.43
N CYS A 54 0.73 -5.54 -15.55
CA CYS A 54 -0.05 -6.24 -14.53
C CYS A 54 -0.64 -5.36 -13.42
N ALA A 55 0.10 -4.34 -12.99
CA ALA A 55 -0.47 -3.29 -12.13
C ALA A 55 -1.70 -2.61 -12.77
N VAL A 56 -1.54 -2.20 -14.04
CA VAL A 56 -2.62 -1.57 -14.81
C VAL A 56 -3.82 -2.49 -14.96
N LEU A 57 -3.59 -3.74 -15.33
CA LEU A 57 -4.68 -4.71 -15.53
C LEU A 57 -5.45 -4.98 -14.24
N GLY A 58 -4.72 -5.11 -13.12
CA GLY A 58 -5.29 -5.30 -11.80
C GLY A 58 -6.09 -4.08 -11.34
N THR A 59 -5.53 -2.88 -11.51
CA THR A 59 -6.28 -1.64 -11.26
C THR A 59 -7.55 -1.59 -12.14
N ALA A 60 -7.39 -1.88 -13.44
CA ALA A 60 -8.52 -1.92 -14.37
C ALA A 60 -9.54 -2.98 -14.02
N ALA A 61 -9.08 -4.16 -13.58
CA ALA A 61 -10.02 -5.25 -13.25
C ALA A 61 -10.88 -4.88 -12.04
N SER A 62 -10.25 -4.29 -11.01
CA SER A 62 -10.99 -3.96 -9.79
C SER A 62 -11.95 -2.78 -9.98
N THR A 63 -11.47 -1.74 -10.67
CA THR A 63 -12.28 -0.57 -11.00
C THR A 63 -13.52 -0.97 -11.80
N LEU A 64 -13.32 -1.72 -12.88
CA LEU A 64 -14.43 -2.11 -13.75
C LEU A 64 -15.47 -2.95 -13.01
N THR A 65 -15.00 -3.88 -12.18
CA THR A 65 -15.88 -4.74 -11.39
C THR A 65 -16.79 -3.91 -10.48
N ALA A 66 -16.20 -2.94 -9.77
CA ALA A 66 -16.92 -1.93 -8.98
C ALA A 66 -18.00 -1.19 -9.81
N GLN A 67 -17.65 -0.77 -11.03
CA GLN A 67 -18.64 -0.14 -11.88
C GLN A 67 -19.70 -1.13 -12.35
N LEU A 68 -19.30 -2.38 -12.65
CA LEU A 68 -20.24 -3.40 -13.10
C LEU A 68 -21.27 -3.72 -12.02
N LEU A 69 -20.83 -3.70 -10.76
CA LEU A 69 -21.69 -4.00 -9.62
C LEU A 69 -22.44 -2.76 -9.14
N GLY A 70 -22.05 -1.58 -9.64
CA GLY A 70 -22.69 -0.34 -9.24
C GLY A 70 -22.31 0.16 -7.86
N VAL A 71 -21.01 0.30 -7.62
CA VAL A 71 -20.51 1.04 -6.46
C VAL A 71 -20.85 2.52 -6.70
N ASP A 72 -21.18 3.23 -5.63
CA ASP A 72 -21.33 4.67 -5.64
C ASP A 72 -20.24 5.34 -6.46
N LYS A 73 -20.66 6.21 -7.39
CA LYS A 73 -19.73 6.88 -8.30
C LYS A 73 -18.57 7.58 -7.59
N PRO A 74 -18.84 8.40 -6.53
CA PRO A 74 -17.72 9.10 -5.86
C PRO A 74 -16.64 8.18 -5.26
N LEU A 75 -17.01 6.97 -4.82
CA LEU A 75 -16.04 6.02 -4.27
C LEU A 75 -15.11 5.52 -5.37
N VAL A 76 -15.71 5.23 -6.52
CA VAL A 76 -14.98 4.85 -7.71
C VAL A 76 -14.15 6.03 -8.23
N ARG A 77 -14.77 7.20 -8.39
CA ARG A 77 -14.05 8.39 -8.90
C ARG A 77 -12.79 8.75 -8.08
N ALA A 78 -12.80 8.48 -6.77
CA ALA A 78 -11.67 8.70 -5.84
C ALA A 78 -10.59 7.57 -5.81
N GLY A 79 -10.75 6.56 -6.66
CA GLY A 79 -9.75 5.48 -6.75
C GLY A 79 -9.74 4.48 -5.61
N LEU A 80 -10.79 4.47 -4.78
CA LEU A 80 -10.86 3.62 -3.59
C LEU A 80 -11.14 2.15 -3.95
N PHE A 81 -11.55 1.92 -5.18
CA PHE A 81 -11.74 0.59 -5.72
C PHE A 81 -10.68 0.22 -6.76
N GLY A 82 -9.59 1.00 -6.81
CA GLY A 82 -8.45 0.75 -7.67
C GLY A 82 -7.17 0.28 -6.97
N PHE A 83 -6.82 0.84 -5.82
CA PHE A 83 -5.47 0.63 -5.24
C PHE A 83 -5.16 -0.82 -4.82
N ASN A 84 -6.13 -1.48 -4.21
CA ASN A 84 -6.02 -2.90 -3.92
C ASN A 84 -5.89 -3.74 -5.18
N GLY A 85 -6.47 -3.26 -6.27
CA GLY A 85 -6.34 -3.95 -7.56
C GLY A 85 -4.95 -3.78 -8.14
N THR A 86 -4.36 -2.57 -7.99
CA THR A 86 -2.97 -2.32 -8.40
C THR A 86 -2.07 -3.39 -7.77
N LEU A 87 -2.19 -3.54 -6.45
CA LEU A 87 -1.35 -4.47 -5.71
C LEU A 87 -1.66 -5.93 -6.03
N ALA A 88 -2.94 -6.25 -6.18
CA ALA A 88 -3.36 -7.59 -6.54
C ALA A 88 -2.70 -8.02 -7.85
N GLY A 89 -2.55 -7.05 -8.75
CA GLY A 89 -1.92 -7.27 -10.04
C GLY A 89 -0.42 -7.52 -9.97
N ILE A 90 0.31 -6.72 -9.20
CA ILE A 90 1.76 -6.92 -9.05
C ILE A 90 2.13 -8.18 -8.23
N ALA A 91 1.43 -8.42 -7.12
CA ALA A 91 1.79 -9.48 -6.19
C ALA A 91 1.97 -10.84 -6.88
N LEU A 92 1.05 -11.18 -7.80
CA LEU A 92 1.03 -12.52 -8.39
C LEU A 92 2.30 -12.90 -9.20
N PRO A 93 2.71 -12.06 -10.19
CA PRO A 93 3.97 -12.36 -10.88
C PRO A 93 5.25 -12.05 -10.07
N PHE A 94 5.11 -11.34 -8.96
CA PHE A 94 6.23 -11.13 -8.04
C PHE A 94 6.58 -12.43 -7.31
N PHE A 95 5.56 -13.17 -6.89
CA PHE A 95 5.75 -14.36 -6.06
C PHE A 95 5.70 -15.68 -6.82
N PHE A 96 4.87 -15.74 -7.87
CA PHE A 96 4.69 -16.94 -8.67
C PHE A 96 5.37 -16.81 -10.05
N ASN A 97 5.81 -17.93 -10.63
CA ASN A 97 6.36 -17.93 -11.99
C ASN A 97 5.27 -17.71 -13.05
N TYR A 98 5.63 -17.20 -14.21
CA TYR A 98 4.66 -17.01 -15.29
C TYR A 98 4.03 -18.33 -15.80
N GLU A 99 2.72 -18.27 -16.00
CA GLU A 99 1.96 -19.22 -16.80
C GLU A 99 0.96 -18.39 -17.62
N PRO A 100 0.51 -18.90 -18.79
CA PRO A 100 -0.39 -18.07 -19.64
C PRO A 100 -1.62 -17.54 -18.87
N ALA A 101 -2.10 -18.38 -17.96
CA ALA A 101 -3.24 -18.07 -17.09
C ALA A 101 -2.99 -16.92 -16.13
N MET A 102 -1.74 -16.47 -16.00
CA MET A 102 -1.36 -15.42 -15.05
C MET A 102 -2.25 -14.15 -15.12
N LEU A 103 -2.51 -13.70 -16.34
CA LEU A 103 -3.32 -12.51 -16.59
C LEU A 103 -4.78 -12.74 -16.18
N GLY A 104 -5.30 -13.95 -16.41
CA GLY A 104 -6.65 -14.28 -16.00
C GLY A 104 -6.73 -14.21 -14.48
N TYR A 105 -5.71 -14.77 -13.84
CA TYR A 105 -5.67 -14.85 -12.39
C TYR A 105 -5.54 -13.47 -11.72
N VAL A 106 -4.73 -12.60 -12.33
CA VAL A 106 -4.62 -11.19 -11.93
C VAL A 106 -5.98 -10.47 -12.00
N ALA A 107 -6.71 -10.69 -13.10
CA ALA A 107 -8.04 -10.10 -13.28
C ALA A 107 -8.99 -10.60 -12.20
N LEU A 108 -8.90 -11.90 -11.91
CA LEU A 108 -9.67 -12.50 -10.83
C LEU A 108 -9.32 -11.90 -9.47
N ASN A 109 -8.02 -11.74 -9.20
CA ASN A 109 -7.55 -11.19 -7.93
C ASN A 109 -8.01 -9.73 -7.81
N GLY A 110 -7.91 -9.00 -8.92
CA GLY A 110 -8.38 -7.62 -8.98
C GLY A 110 -9.87 -7.55 -8.67
N ALA A 111 -10.66 -8.38 -9.33
CA ALA A 111 -12.11 -8.38 -9.14
C ALA A 111 -12.49 -8.72 -7.70
N PHE A 112 -11.81 -9.71 -7.12
CA PHE A 112 -12.03 -10.11 -5.75
C PHE A 112 -11.75 -9.01 -4.71
N THR A 113 -10.71 -8.20 -4.94
CA THR A 113 -10.41 -7.07 -4.02
C THR A 113 -11.58 -6.11 -3.89
N THR A 114 -12.32 -5.96 -4.99
CA THR A 114 -13.45 -5.03 -5.05
C THR A 114 -14.58 -5.54 -4.15
N ILE A 115 -14.83 -6.84 -4.18
CA ILE A 115 -15.77 -7.44 -3.24
C ILE A 115 -15.38 -7.13 -1.80
N ILE A 116 -14.11 -7.34 -1.47
CA ILE A 116 -13.63 -7.27 -0.10
C ILE A 116 -13.58 -5.81 0.39
N MET A 117 -13.20 -4.91 -0.50
CA MET A 117 -13.29 -3.47 -0.23
C MET A 117 -14.71 -3.08 0.18
N ALA A 118 -15.71 -3.53 -0.58
CA ALA A 118 -17.10 -3.26 -0.25
C ALA A 118 -17.46 -3.92 1.07
N SER A 119 -17.01 -5.16 1.29
CA SER A 119 -17.23 -5.87 2.58
C SER A 119 -16.77 -5.03 3.75
N LEU A 120 -15.53 -4.55 3.63
CA LEU A 120 -14.85 -3.89 4.70
C LEU A 120 -15.32 -2.46 4.87
N LEU A 121 -15.71 -1.79 3.79
CA LEU A 121 -16.38 -0.48 3.93
C LEU A 121 -17.71 -0.61 4.67
N ASN A 122 -18.47 -1.66 4.37
CA ASN A 122 -19.68 -1.93 5.13
C ASN A 122 -19.37 -2.24 6.61
N PHE A 123 -18.43 -3.15 6.84
CA PHE A 123 -18.10 -3.61 8.19
C PHE A 123 -17.44 -2.52 9.06
N LEU A 124 -16.30 -2.00 8.59
CA LEU A 124 -15.49 -1.04 9.33
C LEU A 124 -16.11 0.35 9.37
N GLY A 125 -17.06 0.59 8.46
CA GLY A 125 -17.74 1.88 8.34
C GLY A 125 -18.53 2.28 9.56
N LYS A 126 -18.93 1.30 10.37
CA LYS A 126 -19.68 1.62 11.60
C LYS A 126 -18.83 2.40 12.61
N TRP A 127 -17.50 2.31 12.48
CA TRP A 127 -16.55 3.05 13.32
C TRP A 127 -15.77 4.13 12.57
N GLY A 128 -16.10 4.33 11.29
CA GLY A 128 -15.39 5.31 10.45
C GLY A 128 -13.92 4.98 10.19
N VAL A 129 -13.59 3.68 10.15
CA VAL A 129 -12.22 3.20 9.99
C VAL A 129 -12.03 2.75 8.52
N PRO A 130 -10.93 3.16 7.86
CA PRO A 130 -10.74 2.75 6.45
C PRO A 130 -10.30 1.29 6.29
N ALA A 131 -10.58 0.70 5.13
CA ALA A 131 -10.24 -0.69 4.84
C ALA A 131 -8.76 -0.86 4.62
N LEU A 132 -8.07 0.22 4.24
CA LEU A 132 -6.63 0.17 3.85
C LEU A 132 -6.42 -0.90 2.77
N THR A 133 -5.29 -1.61 2.83
CA THR A 133 -4.96 -2.63 1.83
C THR A 133 -5.39 -4.06 2.24
N ALA A 134 -6.25 -4.16 3.26
CA ALA A 134 -6.81 -5.45 3.64
C ALA A 134 -7.50 -6.21 2.48
N PRO A 135 -8.25 -5.52 1.59
CA PRO A 135 -8.80 -6.28 0.44
C PRO A 135 -7.74 -6.94 -0.41
N PHE A 136 -6.67 -6.22 -0.75
CA PHE A 136 -5.52 -6.80 -1.46
C PHE A 136 -4.89 -8.00 -0.69
N VAL A 137 -4.67 -7.86 0.61
CA VAL A 137 -3.96 -8.88 1.36
C VAL A 137 -4.81 -10.14 1.47
N LEU A 138 -6.10 -9.97 1.77
CA LEU A 138 -6.98 -11.10 2.03
C LEU A 138 -7.27 -11.86 0.73
N ALA A 139 -7.49 -11.12 -0.35
CA ALA A 139 -7.74 -11.77 -1.64
C ALA A 139 -6.51 -12.55 -2.18
N THR A 140 -5.35 -11.90 -2.10
CA THR A 140 -4.09 -12.47 -2.56
C THR A 140 -3.70 -13.71 -1.74
N TRP A 141 -3.79 -13.62 -0.40
CA TRP A 141 -3.64 -14.81 0.47
C TRP A 141 -4.54 -15.95 0.04
N LEU A 142 -5.83 -15.65 -0.16
CA LEU A 142 -6.77 -16.67 -0.61
C LEU A 142 -6.41 -17.28 -1.99
N LEU A 143 -5.87 -16.45 -2.90
CA LEU A 143 -5.46 -16.93 -4.21
C LEU A 143 -4.06 -17.56 -4.23
N MET A 144 -3.24 -17.26 -3.21
CA MET A 144 -1.86 -17.77 -3.14
C MET A 144 -1.68 -19.00 -2.25
N PHE A 145 -2.30 -19.02 -1.07
CA PHE A 145 -2.02 -20.08 -0.06
C PHE A 145 -2.18 -21.48 -0.67
N GLY A 146 -3.16 -21.63 -1.57
CA GLY A 146 -3.55 -22.94 -2.08
C GLY A 146 -2.67 -23.50 -3.18
N VAL A 147 -1.58 -22.79 -3.51
CA VAL A 147 -0.67 -23.18 -4.60
C VAL A 147 -0.07 -24.60 -4.47
N TYR A 148 0.12 -25.08 -3.24
CA TYR A 148 0.67 -26.42 -3.05
C TYR A 148 -0.32 -27.51 -3.41
N LYS A 149 -1.61 -27.18 -3.45
CA LYS A 149 -2.65 -28.17 -3.70
C LYS A 149 -3.26 -28.01 -5.08
N LEU A 150 -3.07 -26.81 -5.63
CA LEU A 150 -3.64 -26.38 -6.90
C LEU A 150 -2.47 -25.82 -7.70
N SER A 151 -1.93 -26.65 -8.57
CA SER A 151 -0.65 -26.46 -9.23
C SER A 151 -0.66 -25.68 -10.55
N LEU A 152 -1.73 -24.92 -10.85
CA LEU A 152 -1.72 -24.18 -12.09
C LEU A 152 -0.46 -23.31 -12.14
N PHE A 153 -0.20 -22.64 -11.03
CA PHE A 153 0.97 -21.79 -10.86
C PHE A 153 2.02 -22.48 -10.02
N HIS A 154 3.24 -21.99 -10.14
CA HIS A 154 4.34 -22.57 -9.42
C HIS A 154 5.02 -21.48 -8.62
N PRO A 155 5.19 -21.71 -7.31
CA PRO A 155 5.74 -20.65 -6.47
C PRO A 155 7.19 -20.38 -6.84
N GLY A 156 7.61 -19.12 -6.71
CA GLY A 156 9.01 -18.76 -6.87
C GLY A 156 9.77 -19.17 -5.63
N ALA A 157 11.09 -18.99 -5.67
CA ALA A 157 11.98 -19.38 -4.57
C ALA A 157 11.83 -18.55 -3.29
N LEU A 158 11.14 -17.40 -3.35
CA LEU A 158 10.75 -16.64 -2.14
C LEU A 158 9.75 -17.39 -1.24
N ILE A 159 9.09 -18.39 -1.83
CA ILE A 159 8.07 -19.17 -1.16
C ILE A 159 8.58 -20.53 -0.76
N ALA A 160 8.90 -20.69 0.53
CA ALA A 160 9.61 -21.87 1.01
C ALA A 160 9.19 -22.21 2.43
N PRO A 161 8.24 -23.16 2.61
CA PRO A 161 7.77 -23.50 3.95
C PRO A 161 8.89 -23.96 4.86
N ALA A 162 8.99 -23.38 6.04
CA ALA A 162 9.94 -23.82 7.04
C ALA A 162 9.44 -23.45 8.41
N LEU A 163 9.79 -24.26 9.40
CA LEU A 163 9.61 -23.89 10.78
C LEU A 163 10.60 -22.76 11.06
N PRO A 164 10.19 -21.75 11.85
CA PRO A 164 11.15 -20.67 12.13
C PRO A 164 12.31 -21.18 13.00
N SER A 165 13.46 -20.50 12.88
CA SER A 165 14.58 -20.68 13.82
C SER A 165 15.48 -19.43 13.87
N VAL A 166 16.31 -19.36 14.90
CA VAL A 166 17.22 -18.20 15.09
C VAL A 166 18.22 -18.00 13.94
N ASP A 171 24.27 -14.83 7.24
CA ASP A 171 24.27 -14.49 8.67
C ASP A 171 23.89 -13.02 8.90
N MET A 172 24.49 -12.38 9.91
CA MET A 172 24.07 -11.06 10.35
C MET A 172 24.44 -9.91 9.40
N GLY A 173 25.51 -10.10 8.61
CA GLY A 173 25.94 -9.11 7.63
C GLY A 173 26.60 -7.90 8.25
N THR A 174 26.73 -6.84 7.46
CA THR A 174 27.48 -5.64 7.85
C THR A 174 26.73 -4.39 7.41
N VAL A 175 26.44 -3.51 8.37
CA VAL A 175 25.74 -2.26 8.07
C VAL A 175 26.73 -1.25 7.48
N THR A 176 26.34 -0.66 6.35
CA THR A 176 27.17 0.35 5.68
C THR A 176 26.27 1.50 5.23
N GLY A 177 26.85 2.50 4.60
CA GLY A 177 26.10 3.56 3.94
C GLY A 177 25.08 3.04 2.94
N ARG A 178 25.45 1.98 2.21
CA ARG A 178 24.55 1.34 1.24
C ARG A 178 23.25 0.83 1.89
N THR A 179 23.38 0.25 3.09
CA THR A 179 22.25 -0.21 3.89
C THR A 179 21.18 0.86 4.01
N PHE A 180 21.61 2.10 4.14
CA PHE A 180 20.73 3.23 4.40
C PHE A 180 20.14 3.84 3.16
N MET A 181 20.95 4.01 2.11
CA MET A 181 20.47 4.61 0.87
C MET A 181 19.58 3.64 0.08
N GLU A 182 20.00 2.38 -0.01
CA GLU A 182 19.22 1.34 -0.65
C GLU A 182 17.97 1.04 0.19
N GLY A 183 18.16 0.88 1.49
CA GLY A 183 17.09 0.61 2.43
C GLY A 183 15.98 1.65 2.39
N LEU A 184 16.38 2.91 2.42
CA LEU A 184 15.43 4.02 2.32
C LEU A 184 14.50 3.92 1.11
N PHE A 185 15.07 3.91 -0.09
CA PHE A 185 14.28 4.03 -1.31
C PHE A 185 13.64 2.74 -1.79
N LYS A 186 14.27 1.61 -1.48
CA LYS A 186 13.61 0.32 -1.72
C LYS A 186 12.48 0.11 -0.70
N GLY A 187 12.58 0.75 0.47
CA GLY A 187 11.50 0.70 1.45
C GLY A 187 10.24 1.30 0.84
N VAL A 188 10.41 2.38 0.08
CA VAL A 188 9.30 3.05 -0.60
C VAL A 188 8.87 2.20 -1.81
N GLY A 189 9.86 1.83 -2.63
CA GLY A 189 9.60 0.98 -3.78
C GLY A 189 8.91 -0.34 -3.42
N GLU A 190 9.25 -0.94 -2.28
CA GLU A 190 8.67 -2.25 -1.92
C GLU A 190 7.20 -2.18 -1.51
N VAL A 191 6.67 -0.97 -1.28
CA VAL A 191 5.22 -0.76 -1.10
C VAL A 191 4.48 -1.39 -2.29
N MET A 192 5.08 -1.26 -3.49
CA MET A 192 4.53 -1.91 -4.69
C MET A 192 5.41 -3.01 -5.27
N PHE A 193 6.16 -3.71 -4.40
CA PHE A 193 7.01 -4.83 -4.83
C PHE A 193 8.03 -4.39 -5.87
N GLN A 194 8.60 -3.19 -5.72
CA GLN A 194 9.62 -2.67 -6.66
C GLN A 194 11.00 -2.59 -6.00
N ASP A 195 11.79 -3.62 -6.25
CA ASP A 195 13.17 -3.77 -5.77
C ASP A 195 14.11 -2.88 -6.62
N ASN A 196 13.96 -1.58 -6.43
CA ASN A 196 14.56 -0.63 -7.35
C ASN A 196 14.65 0.74 -6.67
N ILE A 197 15.90 1.19 -6.47
CA ILE A 197 16.17 2.47 -5.83
C ILE A 197 15.48 3.62 -6.57
N VAL A 198 15.67 3.69 -7.90
CA VAL A 198 15.11 4.77 -8.72
C VAL A 198 13.58 4.79 -8.72
N THR A 199 12.96 3.61 -8.81
CA THR A 199 11.50 3.48 -8.68
C THR A 199 11.04 4.11 -7.36
N GLY A 200 11.76 3.83 -6.27
CA GLY A 200 11.48 4.43 -4.97
C GLY A 200 11.59 5.95 -4.96
N VAL A 201 12.63 6.48 -5.61
CA VAL A 201 12.79 7.93 -5.77
C VAL A 201 11.59 8.50 -6.52
N ILE A 202 11.30 7.93 -7.69
CA ILE A 202 10.15 8.32 -8.50
C ILE A 202 8.88 8.35 -7.65
N PHE A 203 8.67 7.27 -6.87
CA PHE A 203 7.52 7.18 -5.96
C PHE A 203 7.46 8.35 -4.97
N VAL A 204 8.62 8.72 -4.40
CA VAL A 204 8.64 9.86 -3.46
C VAL A 204 8.31 11.16 -4.21
N VAL A 205 8.89 11.34 -5.39
CA VAL A 205 8.55 12.50 -6.21
C VAL A 205 7.05 12.54 -6.51
N ALA A 206 6.49 11.40 -6.92
CA ALA A 206 5.06 11.27 -7.23
C ALA A 206 4.15 11.72 -6.08
N ILE A 207 4.49 11.32 -4.85
CA ILE A 207 3.75 11.77 -3.68
C ILE A 207 3.94 13.27 -3.47
N LEU A 208 5.18 13.76 -3.63
CA LEU A 208 5.49 15.18 -3.49
C LEU A 208 4.57 16.08 -4.34
N VAL A 209 4.27 15.64 -5.56
CA VAL A 209 3.37 16.35 -6.48
C VAL A 209 2.01 16.68 -5.82
N ASN A 210 1.44 15.72 -5.11
CA ASN A 210 0.16 15.88 -4.43
C ASN A 210 0.27 16.44 -3.00
N SER A 211 1.30 16.03 -2.26
CA SER A 211 1.49 16.47 -0.86
C SER A 211 2.94 16.38 -0.39
N ARG A 212 3.49 17.51 0.04
CA ARG A 212 4.86 17.56 0.55
C ARG A 212 4.99 16.82 1.89
N ILE A 213 4.03 17.03 2.79
CA ILE A 213 4.03 16.38 4.10
C ILE A 213 3.95 14.85 3.99
N SER A 214 3.09 14.35 3.10
CA SER A 214 2.98 12.92 2.88
C SER A 214 4.27 12.36 2.24
N ALA A 215 4.97 13.17 1.45
CA ALA A 215 6.23 12.72 0.87
C ALA A 215 7.31 12.59 1.95
N LEU A 216 7.31 13.51 2.90
CA LEU A 216 8.24 13.47 4.03
C LEU A 216 7.97 12.26 4.93
N PHE A 217 6.68 11.97 5.16
CA PHE A 217 6.31 10.86 6.04
C PHE A 217 6.62 9.52 5.41
N ALA A 218 6.53 9.46 4.08
CA ALA A 218 6.99 8.28 3.34
C ALA A 218 8.48 8.05 3.60
N VAL A 219 9.28 9.13 3.54
CA VAL A 219 10.72 9.08 3.82
C VAL A 219 10.98 8.68 5.28
N ILE A 220 10.31 9.36 6.22
CA ILE A 220 10.42 9.06 7.66
C ILE A 220 10.02 7.61 8.01
N GLY A 221 8.89 7.16 7.48
CA GLY A 221 8.41 5.80 7.69
C GLY A 221 9.47 4.78 7.29
N SER A 222 9.97 4.92 6.07
CA SER A 222 11.01 4.01 5.57
C SER A 222 12.24 3.96 6.47
N LEU A 223 12.69 5.14 6.92
CA LEU A 223 13.82 5.26 7.84
C LEU A 223 13.55 4.67 9.22
N VAL A 224 12.39 4.98 9.79
CA VAL A 224 11.98 4.42 11.08
C VAL A 224 11.91 2.88 11.03
N GLY A 225 11.33 2.36 9.96
CA GLY A 225 11.24 0.91 9.77
C GLY A 225 12.60 0.26 9.69
N LEU A 226 13.44 0.82 8.82
CA LEU A 226 14.84 0.43 8.65
C LEU A 226 15.63 0.38 9.98
N CYS A 227 15.69 1.51 10.71
CA CYS A 227 16.49 1.59 11.94
C CYS A 227 15.84 0.83 13.10
N THR A 228 14.50 0.77 13.17
CA THR A 228 13.81 -0.15 14.12
C THR A 228 14.33 -1.59 13.95
N ALA A 229 14.37 -2.07 12.71
CA ALA A 229 14.85 -3.41 12.41
C ALA A 229 16.31 -3.60 12.81
N LEU A 230 17.15 -2.57 12.61
CA LEU A 230 18.56 -2.59 13.04
C LEU A 230 18.71 -2.59 14.56
N ILE A 231 18.01 -1.68 15.24
CA ILE A 231 17.91 -1.70 16.70
C ILE A 231 17.50 -3.11 17.18
N MET A 232 16.59 -3.75 16.45
CA MET A 232 16.10 -5.06 16.84
C MET A 232 16.98 -6.24 16.38
N HIS A 233 18.13 -5.94 15.77
CA HIS A 233 19.12 -6.97 15.38
C HIS A 233 18.63 -7.88 14.24
N SER A 234 17.92 -7.31 13.28
CA SER A 234 17.66 -7.98 12.01
C SER A 234 19.01 -8.15 11.26
N PRO A 235 19.19 -9.28 10.55
CA PRO A 235 20.30 -9.31 9.57
C PRO A 235 20.19 -8.11 8.63
N GLU A 236 21.33 -7.64 8.14
CA GLU A 236 21.42 -6.47 7.30
C GLU A 236 20.69 -6.60 5.93
N THR A 237 20.74 -7.79 5.33
CA THR A 237 20.21 -8.01 3.98
C THR A 237 18.75 -7.59 3.79
N PRO A 238 17.80 -8.12 4.62
CA PRO A 238 16.39 -7.68 4.56
C PRO A 238 16.22 -6.17 4.73
N VAL A 239 16.99 -5.58 5.66
CA VAL A 239 16.97 -4.14 5.89
C VAL A 239 17.39 -3.31 4.65
N ARG A 240 18.53 -3.68 4.07
CA ARG A 240 19.02 -3.06 2.83
C ARG A 240 17.97 -3.16 1.69
N LEU A 241 17.29 -4.30 1.60
CA LEU A 241 16.27 -4.54 0.57
C LEU A 241 14.95 -3.81 0.83
N GLY A 242 14.88 -3.03 1.91
CA GLY A 242 13.68 -2.23 2.23
C GLY A 242 12.50 -3.06 2.72
N LEU A 243 12.76 -4.31 3.12
CA LEU A 243 11.70 -5.20 3.57
C LEU A 243 11.13 -4.80 4.95
N TYR A 244 11.87 -3.96 5.68
CA TYR A 244 11.37 -3.40 6.93
C TYR A 244 10.93 -1.94 6.84
N GLY A 245 10.92 -1.38 5.63
CA GLY A 245 10.47 -0.01 5.45
C GLY A 245 9.04 0.08 4.96
N PHE A 246 8.63 -0.81 4.05
CA PHE A 246 7.42 -0.56 3.29
C PHE A 246 6.12 -0.51 4.13
N ASN A 247 6.01 -1.36 5.14
CA ASN A 247 4.88 -1.28 6.04
C ASN A 247 4.85 0.04 6.82
N SER A 248 6.05 0.45 7.28
CA SER A 248 6.22 1.68 8.02
C SER A 248 6.03 2.93 7.13
N VAL A 249 6.34 2.80 5.83
CA VAL A 249 6.04 3.86 4.86
C VAL A 249 4.53 4.13 4.90
N LEU A 250 3.74 3.07 4.77
CA LEU A 250 2.29 3.18 4.76
C LEU A 250 1.76 3.71 6.09
N CYS A 251 2.31 3.22 7.20
CA CYS A 251 1.99 3.75 8.53
C CYS A 251 2.23 5.25 8.56
N GLY A 252 3.42 5.67 8.15
CA GLY A 252 3.81 7.07 8.18
C GLY A 252 2.83 7.97 7.45
N ILE A 253 2.53 7.61 6.21
CA ILE A 253 1.62 8.38 5.36
C ILE A 253 0.21 8.46 5.94
N ALA A 254 -0.34 7.31 6.37
CA ALA A 254 -1.68 7.27 6.97
C ALA A 254 -1.75 8.13 8.23
N MET A 255 -0.76 7.98 9.09
CA MET A 255 -0.78 8.61 10.41
C MET A 255 -0.30 10.06 10.37
N GLY A 256 0.55 10.39 9.40
CA GLY A 256 1.18 11.70 9.33
C GLY A 256 0.33 12.76 8.68
N GLY A 257 -0.81 13.07 9.31
CA GLY A 257 -1.66 14.15 8.83
C GLY A 257 -2.88 13.81 7.99
N ILE A 258 -3.00 12.55 7.53
CA ILE A 258 -4.17 12.17 6.74
C ILE A 258 -5.35 11.80 7.64
N PHE A 259 -5.15 10.87 8.56
CA PHE A 259 -6.23 10.41 9.43
C PHE A 259 -6.18 11.08 10.78
N PHE A 260 -5.07 11.76 11.07
CA PHE A 260 -4.96 12.61 12.25
C PHE A 260 -4.43 13.97 11.81
N TYR A 261 -4.86 15.03 12.49
CA TYR A 261 -4.37 16.39 12.23
C TYR A 261 -2.93 16.48 12.69
N LEU A 262 -2.05 16.91 11.80
CA LEU A 262 -0.63 16.97 12.12
C LEU A 262 -0.31 18.00 13.21
N ASN A 263 0.17 17.48 14.34
CA ASN A 263 0.78 18.28 15.39
C ASN A 263 1.81 17.40 16.10
N ILE A 264 2.45 17.92 17.14
CA ILE A 264 3.48 17.19 17.88
C ILE A 264 3.00 15.89 18.51
N ARG A 265 1.80 15.92 19.08
CA ARG A 265 1.23 14.73 19.72
C ARG A 265 0.88 13.65 18.69
N THR A 266 0.19 14.03 17.61
CA THR A 266 -0.14 13.10 16.54
C THR A 266 1.12 12.61 15.79
N PHE A 267 2.16 13.44 15.77
CA PHE A 267 3.45 13.01 15.24
C PHE A 267 4.06 11.87 16.07
N LEU A 268 4.06 12.03 17.39
CA LEU A 268 4.54 11.00 18.32
C LEU A 268 3.73 9.72 18.22
N TYR A 269 2.41 9.88 18.10
CA TYR A 269 1.47 8.82 17.81
C TYR A 269 1.83 8.06 16.51
N ALA A 270 2.05 8.82 15.43
CA ALA A 270 2.49 8.28 14.14
C ALA A 270 3.78 7.47 14.27
N LEU A 271 4.71 7.99 15.06
CA LEU A 271 6.01 7.35 15.30
C LEU A 271 5.82 6.01 15.99
N GLY A 272 4.88 5.97 16.91
CA GLY A 272 4.41 4.71 17.49
C GLY A 272 3.99 3.66 16.48
N CYS A 273 3.09 4.01 15.55
CA CYS A 273 2.61 3.09 14.49
C CYS A 273 3.74 2.57 13.66
N MET A 274 4.64 3.49 13.29
CA MET A 274 5.74 3.23 12.37
C MET A 274 6.71 2.20 12.98
N VAL A 275 7.09 2.41 14.24
CA VAL A 275 7.99 1.49 14.93
C VAL A 275 7.33 0.10 15.04
N LEU A 276 6.08 0.07 15.47
CA LEU A 276 5.38 -1.17 15.68
C LEU A 276 5.06 -1.89 14.37
N GLY A 277 4.93 -1.12 13.29
CA GLY A 277 4.76 -1.64 11.95
C GLY A 277 5.94 -2.50 11.56
N ALA A 278 7.15 -2.05 11.91
CA ALA A 278 8.38 -2.78 11.60
C ALA A 278 8.49 -4.04 12.44
N ILE A 279 8.22 -3.93 13.74
CA ILE A 279 8.18 -5.08 14.62
C ILE A 279 7.11 -6.13 14.18
N ALA A 280 5.93 -5.67 13.79
CA ALA A 280 4.87 -6.56 13.31
C ALA A 280 5.24 -7.26 11.99
N THR A 281 6.12 -6.64 11.21
CA THR A 281 6.66 -7.23 10.01
C THR A 281 7.45 -8.53 10.31
N GLY A 282 8.29 -8.51 11.34
CA GLY A 282 8.99 -9.72 11.77
C GLY A 282 7.96 -10.73 12.28
N ALA A 283 7.04 -10.29 13.13
CA ALA A 283 5.98 -11.14 13.68
C ALA A 283 5.16 -11.94 12.65
N PHE A 284 4.66 -11.24 11.63
CA PHE A 284 3.75 -11.88 10.68
C PHE A 284 4.51 -12.71 9.66
N SER A 285 5.75 -12.33 9.42
CA SER A 285 6.63 -13.10 8.58
C SER A 285 6.90 -14.49 9.19
N VAL A 286 7.20 -14.52 10.49
CA VAL A 286 7.32 -15.76 11.26
C VAL A 286 6.00 -16.55 11.30
N LEU A 287 4.89 -15.86 11.58
CA LEU A 287 3.59 -16.52 11.66
C LEU A 287 3.28 -17.34 10.41
N LEU A 288 3.61 -16.82 9.23
CA LEU A 288 3.29 -17.50 7.97
C LEU A 288 4.42 -18.35 7.42
N SER A 289 5.53 -18.45 8.14
CA SER A 289 6.66 -19.18 7.58
C SER A 289 6.43 -20.69 7.44
N PRO A 290 5.70 -21.31 8.40
CA PRO A 290 5.40 -22.75 8.17
C PRO A 290 4.75 -23.08 6.81
N ILE A 291 4.09 -22.11 6.19
CA ILE A 291 3.47 -22.32 4.87
C ILE A 291 4.19 -21.50 3.77
N GLY A 292 5.25 -20.80 4.18
CA GLY A 292 6.15 -20.14 3.24
C GLY A 292 5.59 -18.90 2.57
N MET A 293 4.60 -18.28 3.19
CA MET A 293 3.81 -17.23 2.54
C MET A 293 4.19 -15.85 3.04
N PRO A 294 4.09 -14.84 2.17
CA PRO A 294 4.44 -13.48 2.55
C PRO A 294 3.34 -12.80 3.39
N ALA A 295 3.73 -11.94 4.33
CA ALA A 295 2.74 -11.20 5.15
C ALA A 295 2.14 -10.03 4.40
N LEU A 296 2.81 -9.64 3.31
CA LEU A 296 2.41 -8.50 2.50
C LEU A 296 2.32 -7.27 3.40
N THR A 297 1.23 -6.50 3.28
CA THR A 297 1.05 -5.33 4.15
C THR A 297 0.17 -5.56 5.36
N TRP A 298 -0.04 -6.82 5.71
CA TRP A 298 -0.73 -7.13 6.93
C TRP A 298 -0.14 -6.43 8.18
N PRO A 299 1.21 -6.36 8.30
CA PRO A 299 1.76 -5.61 9.43
C PRO A 299 1.24 -4.17 9.51
N PHE A 300 1.29 -3.43 8.40
CA PHE A 300 0.78 -2.05 8.39
C PHE A 300 -0.72 -1.97 8.72
N ILE A 301 -1.50 -2.89 8.10
CA ILE A 301 -2.96 -2.96 8.28
C ILE A 301 -3.33 -3.16 9.75
N VAL A 302 -2.73 -4.18 10.39
CA VAL A 302 -3.10 -4.51 11.77
C VAL A 302 -2.73 -3.35 12.70
N VAL A 303 -1.51 -2.86 12.58
CA VAL A 303 -1.04 -1.85 13.54
C VAL A 303 -1.76 -0.51 13.35
N THR A 304 -2.01 -0.14 12.09
CA THR A 304 -2.68 1.11 11.77
C THR A 304 -4.15 1.03 12.14
N TRP A 305 -4.79 -0.12 11.90
CA TRP A 305 -6.17 -0.35 12.41
C TRP A 305 -6.24 -0.17 13.93
N LEU A 306 -5.30 -0.75 14.66
CA LEU A 306 -5.27 -0.58 16.11
C LEU A 306 -5.23 0.91 16.49
N PHE A 307 -4.27 1.68 15.94
CA PHE A 307 -4.15 3.13 16.19
C PHE A 307 -5.36 3.97 15.73
N LEU A 308 -5.96 3.59 14.61
CA LEU A 308 -7.18 4.21 14.08
C LEU A 308 -8.38 3.97 15.00
N PHE A 309 -8.59 2.72 15.41
CA PHE A 309 -9.71 2.39 16.28
C PHE A 309 -9.56 3.09 17.64
N ALA A 310 -8.31 3.24 18.08
CA ALA A 310 -7.99 3.81 19.39
C ALA A 310 -8.15 5.33 19.47
N GLY A 311 -8.08 6.01 18.31
CA GLY A 311 -8.05 7.47 18.22
C GLY A 311 -9.19 8.22 18.92
N SER A 312 -10.40 7.71 18.79
CA SER A 312 -11.59 8.35 19.35
C SER A 312 -11.65 8.26 20.89
N MET A 313 -10.73 7.48 21.47
CA MET A 313 -10.66 7.31 22.91
C MET A 313 -9.62 8.24 23.53
N PHE A 314 -8.82 8.87 22.68
CA PHE A 314 -7.71 9.67 23.14
C PHE A 314 -7.96 11.15 22.83
N ARG A 315 -8.23 11.91 23.89
CA ARG A 315 -8.57 13.34 23.79
C ARG A 315 -7.41 14.14 23.22
N ASN A 316 -6.20 13.71 23.54
CA ASN A 316 -4.99 14.39 23.10
C ASN A 316 -4.62 14.11 21.64
N ILE A 317 -5.38 13.20 21.01
CA ILE A 317 -5.14 12.78 19.64
C ILE A 317 -6.35 13.10 18.75
N ALA A 318 -6.15 14.16 17.96
CA ALA A 318 -7.17 14.73 17.08
C ALA A 318 -7.26 13.92 15.79
N GLN A 319 -8.29 13.09 15.70
CA GLN A 319 -8.55 12.32 14.50
C GLN A 319 -9.29 13.20 13.46
N VAL A 320 -9.01 12.96 12.17
CA VAL A 320 -9.81 13.55 11.09
C VAL A 320 -10.99 12.61 10.79
N PRO A 321 -12.22 13.14 10.63
CA PRO A 321 -13.31 12.28 10.15
C PRO A 321 -12.98 11.72 8.77
N THR A 322 -13.04 10.40 8.63
CA THR A 322 -12.58 9.66 7.43
C THR A 322 -13.22 10.12 6.11
N GLU A 323 -14.53 10.39 6.10
CA GLU A 323 -15.19 10.84 4.87
C GLU A 323 -14.73 12.25 4.43
N LYS A 324 -14.08 12.97 5.35
CA LYS A 324 -13.48 14.27 5.04
C LYS A 324 -11.98 14.20 4.70
N ALA A 325 -11.29 13.19 5.25
CA ALA A 325 -9.82 13.10 5.21
C ALA A 325 -9.17 13.23 3.82
N GLY A 326 -8.55 14.39 3.58
CA GLY A 326 -7.76 14.62 2.38
C GLY A 326 -6.29 14.68 2.74
N THR A 327 -5.53 15.42 1.93
CA THR A 327 -4.09 15.58 2.14
C THR A 327 -3.82 16.23 3.52
N PRO A 328 -2.62 16.01 4.09
CA PRO A 328 -2.31 16.73 5.35
C PRO A 328 -2.41 18.25 5.25
N GLU A 329 -2.04 18.80 4.08
CA GLU A 329 -2.15 20.25 3.83
C GLU A 329 -3.61 20.71 3.85
N ASP A 330 -4.48 20.01 3.11
CA ASP A 330 -5.89 20.33 3.08
C ASP A 330 -6.52 20.20 4.46
N ASN A 331 -6.14 19.13 5.17
CA ASN A 331 -6.63 18.86 6.50
C ASN A 331 -6.39 20.02 7.47
N LEU A 332 -5.17 20.53 7.49
CA LEU A 332 -4.80 21.71 8.30
C LEU A 332 -5.58 22.97 7.92
N ARG A 333 -5.80 23.14 6.61
CA ARG A 333 -6.48 24.32 6.07
C ARG A 333 -7.96 24.36 6.40
N SER A 334 -8.57 23.18 6.60
CA SER A 334 -9.99 23.13 6.97
C SER A 334 -10.17 23.21 8.49
N LEU A 335 -9.13 22.84 9.23
CA LEU A 335 -9.13 23.00 10.69
C LEU A 335 -9.07 24.47 11.08
N ALA A 336 -8.12 25.20 10.49
CA ALA A 336 -7.95 26.63 10.73
C ALA A 336 -9.18 27.46 10.30
N ILE A 337 -10.01 26.85 9.44
CA ILE A 337 -11.31 27.45 9.09
C ILE A 337 -12.37 27.05 10.12
#